data_1VKE
#
_entry.id   1VKE
#
_cell.length_a   67.922
_cell.length_b   67.975
_cell.length_c   90.077
_cell.angle_alpha   90.00
_cell.angle_beta   97.52
_cell.angle_gamma   90.00
#
_symmetry.space_group_name_H-M   'P 1 21 1'
#
loop_
_entity.id
_entity.type
_entity.pdbx_description
1 polymer 'carboxymuconolactone decarboxylase family protein'
2 non-polymer 'UNKNOWN LIGAND'
3 non-polymer (4S)-2-METHYL-2,4-PENTANEDIOL
4 water water
#
_entity_poly.entity_id   1
_entity_poly.type   'polypeptide(L)'
_entity_poly.pdbx_seq_one_letter_code
;MGSDKIHHHHHHMEYKKFVEARRELNEKVLSRGTLNTKRFFNLDSAVYRPGKLDVKTKELMGLVASTVLRCDDCIRYHLV
RCVQEGASDEEIFEALDIALVVGGSIVIPHLRRAVGFLEELREMEKNGETISL
;
_entity_poly.pdbx_strand_id   A,B,C,D,E,F
#
# COMPACT_ATOMS: atom_id res chain seq x y z
N LYS A 16 -11.37 -24.94 -7.00
CA LYS A 16 -10.81 -25.79 -8.09
C LYS A 16 -9.57 -25.14 -8.71
N LYS A 17 -9.78 -24.18 -9.60
CA LYS A 17 -8.67 -23.44 -10.19
C LYS A 17 -7.72 -22.97 -9.10
N PHE A 18 -8.27 -22.33 -8.08
CA PHE A 18 -7.46 -21.78 -6.99
C PHE A 18 -6.48 -22.83 -6.50
N VAL A 19 -6.98 -24.02 -6.18
CA VAL A 19 -6.12 -25.08 -5.71
C VAL A 19 -5.07 -25.39 -6.77
N GLU A 20 -5.52 -25.67 -8.00
CA GLU A 20 -4.62 -26.04 -9.11
C GLU A 20 -3.46 -25.06 -9.31
N ALA A 21 -3.74 -23.76 -9.21
CA ALA A 21 -2.73 -22.74 -9.46
C ALA A 21 -1.73 -22.65 -8.32
N ARG A 22 -2.16 -23.04 -7.13
CA ARG A 22 -1.27 -22.99 -5.99
C ARG A 22 -0.25 -24.12 -6.18
N ARG A 23 -0.74 -25.30 -6.50
CA ARG A 23 0.15 -26.44 -6.69
C ARG A 23 1.18 -26.09 -7.76
N GLU A 24 0.71 -25.55 -8.88
CA GLU A 24 1.60 -25.25 -10.01
C GLU A 24 2.70 -24.26 -9.62
N LEU A 25 2.36 -23.32 -8.75
CA LEU A 25 3.32 -22.35 -8.27
C LEU A 25 4.39 -23.03 -7.42
N ASN A 26 3.94 -23.82 -6.45
CA ASN A 26 4.87 -24.51 -5.58
C ASN A 26 5.72 -25.49 -6.37
N GLU A 27 5.17 -26.02 -7.45
CA GLU A 27 5.91 -26.88 -8.35
C GLU A 27 7.07 -26.10 -8.97
N LYS A 28 6.80 -24.86 -9.36
CA LYS A 28 7.81 -24.05 -10.03
C LYS A 28 8.86 -23.55 -9.01
N VAL A 29 8.41 -23.08 -7.86
CA VAL A 29 9.31 -22.67 -6.79
C VAL A 29 10.15 -23.86 -6.35
N SER A 31 11.38 -25.90 -8.68
CA SER A 31 12.27 -26.01 -9.83
C SER A 31 12.84 -24.64 -10.24
N ARG A 32 11.96 -23.71 -10.61
CA ARG A 32 12.37 -22.35 -10.99
C ARG A 32 12.52 -21.48 -9.74
N GLY A 33 12.92 -20.22 -9.97
CA GLY A 33 13.37 -19.34 -8.88
C GLY A 33 14.74 -19.81 -8.37
N THR A 34 15.06 -19.43 -7.13
CA THR A 34 16.38 -19.61 -6.54
C THR A 34 16.24 -20.26 -5.20
N LEU A 35 17.38 -20.54 -4.59
CA LEU A 35 17.39 -21.05 -3.22
C LEU A 35 16.72 -20.07 -2.27
N ASN A 36 16.94 -18.77 -2.49
CA ASN A 36 16.33 -17.75 -1.65
C ASN A 36 14.80 -17.78 -1.78
N THR A 37 14.31 -17.97 -3.00
CA THR A 37 12.86 -18.04 -3.20
C THR A 37 12.29 -19.24 -2.43
N LYS A 38 12.95 -20.38 -2.53
CA LYS A 38 12.50 -21.58 -1.85
C LYS A 38 12.50 -21.36 -0.34
N ARG A 39 13.55 -20.72 0.16
CA ARG A 39 13.66 -20.46 1.58
C ARG A 39 12.52 -19.58 2.06
N PHE A 40 12.14 -18.60 1.22
CA PHE A 40 11.05 -17.71 1.59
C PHE A 40 9.76 -18.47 1.71
N PHE A 41 9.46 -19.29 0.72
CA PHE A 41 8.23 -20.04 0.72
C PHE A 41 8.17 -21.00 1.93
N ASN A 42 9.31 -21.58 2.28
CA ASN A 42 9.37 -22.44 3.46
C ASN A 42 9.07 -21.67 4.75
N LEU A 43 9.56 -20.44 4.88
CA LEU A 43 9.28 -19.62 6.07
C LEU A 43 7.82 -19.21 6.12
N ASP A 44 7.26 -18.88 4.97
CA ASP A 44 5.86 -18.56 4.88
C ASP A 44 5.01 -19.74 5.40
N SER A 45 5.37 -20.97 5.05
CA SER A 45 4.68 -22.13 5.64
C SER A 45 4.92 -22.27 7.17
N ALA A 46 6.18 -22.11 7.57
CA ALA A 46 6.61 -22.37 8.94
C ALA A 46 5.89 -21.51 9.95
N VAL A 47 5.64 -20.25 9.61
CA VAL A 47 5.18 -19.31 10.63
C VAL A 47 3.72 -19.56 11.00
N TYR A 48 3.03 -20.46 10.29
CA TYR A 48 1.66 -20.84 10.64
C TYR A 48 1.54 -22.23 11.32
N ARG A 49 2.67 -22.89 11.56
CA ARG A 49 2.66 -24.15 12.31
C ARG A 49 2.34 -23.86 13.79
N PRO A 50 1.82 -24.85 14.50
CA PRO A 50 1.38 -24.61 15.87
C PRO A 50 2.54 -24.24 16.79
N GLY A 51 2.27 -23.33 17.70
CA GLY A 51 3.22 -22.96 18.74
C GLY A 51 2.40 -22.76 20.01
N LYS A 52 2.75 -21.75 20.78
CA LYS A 52 1.89 -21.32 21.85
C LYS A 52 0.57 -20.78 21.33
N LEU A 53 0.55 -20.21 20.12
CA LEU A 53 -0.71 -19.91 19.41
C LEU A 53 -1.09 -21.13 18.60
N ASP A 54 -2.34 -21.51 18.65
CA ASP A 54 -2.76 -22.69 17.88
C ASP A 54 -2.93 -22.31 16.43
N VAL A 55 -3.03 -23.34 15.59
CA VAL A 55 -3.05 -23.10 14.14
C VAL A 55 -4.31 -22.32 13.70
N LYS A 56 -5.46 -22.62 14.29
CA LYS A 56 -6.65 -21.77 14.01
C LYS A 56 -6.37 -20.27 14.22
N THR A 57 -5.74 -19.93 15.34
CA THR A 57 -5.48 -18.55 15.68
C THR A 57 -4.51 -17.95 14.69
N LYS A 58 -3.45 -18.69 14.37
CA LYS A 58 -2.47 -18.15 13.41
C LYS A 58 -3.11 -17.94 12.04
N GLU A 59 -3.97 -18.86 11.62
CA GLU A 59 -4.60 -18.74 10.33
C GLU A 59 -5.59 -17.54 10.32
N LEU A 60 -6.24 -17.27 11.46
CA LEU A 60 -7.04 -16.07 11.57
C LEU A 60 -6.22 -14.80 11.51
N MET A 61 -5.03 -14.85 12.12
CA MET A 61 -4.10 -13.71 12.00
C MET A 61 -3.66 -13.48 10.57
N GLY A 62 -3.38 -14.59 9.85
CA GLY A 62 -3.09 -14.49 8.46
C GLY A 62 -4.21 -13.88 7.65
N LEU A 63 -5.43 -14.25 8.01
CA LEU A 63 -6.61 -13.72 7.31
C LEU A 63 -6.67 -12.19 7.53
N VAL A 64 -6.51 -11.79 8.78
CA VAL A 64 -6.56 -10.34 9.10
C VAL A 64 -5.48 -9.58 8.30
N ALA A 65 -4.23 -10.05 8.33
CA ALA A 65 -3.16 -9.34 7.62
C ALA A 65 -3.44 -9.29 6.11
N SER A 66 -3.90 -10.40 5.57
CA SER A 66 -4.20 -10.51 4.16
C SER A 66 -5.31 -9.58 3.72
N THR A 67 -6.28 -9.39 4.60
CA THR A 67 -7.42 -8.53 4.32
C THR A 67 -7.08 -7.06 4.39
N VAL A 68 -6.37 -6.62 5.45
CA VAL A 68 -5.98 -5.20 5.55
C VAL A 68 -5.04 -4.81 4.40
N LEU A 69 -4.25 -5.77 3.91
CA LEU A 69 -3.33 -5.57 2.78
C LEU A 69 -3.95 -5.87 1.42
N ARG A 70 -5.21 -6.27 1.43
CA ARG A 70 -6.05 -6.37 0.23
C ARG A 70 -5.42 -7.30 -0.85
N CYS A 71 -5.04 -8.50 -0.42
CA CYS A 71 -4.55 -9.57 -1.32
C CYS A 71 -5.59 -10.67 -1.42
N ASP A 72 -6.34 -10.72 -2.53
CA ASP A 72 -7.46 -11.68 -2.63
C ASP A 72 -7.01 -13.14 -2.58
N ASP A 73 -5.93 -13.51 -3.27
CA ASP A 73 -5.50 -14.90 -3.21
C ASP A 73 -5.06 -15.30 -1.80
N CYS A 74 -4.44 -14.35 -1.08
CA CYS A 74 -4.01 -14.59 0.30
C CYS A 74 -5.25 -14.77 1.20
N ILE A 75 -6.24 -13.90 1.00
CA ILE A 75 -7.49 -14.01 1.74
C ILE A 75 -8.10 -15.41 1.57
N ARG A 76 -8.22 -15.82 0.30
CA ARG A 76 -8.78 -17.13 -0.04
C ARG A 76 -8.03 -18.27 0.64
N TYR A 77 -6.70 -18.24 0.53
CA TYR A 77 -5.87 -19.28 1.14
C TYR A 77 -6.13 -19.36 2.64
N HIS A 78 -6.08 -18.23 3.33
CA HIS A 78 -6.29 -18.26 4.79
C HIS A 78 -7.72 -18.56 5.22
N LEU A 79 -8.72 -18.16 4.42
CA LEU A 79 -10.11 -18.63 4.64
C LEU A 79 -10.20 -20.14 4.59
N VAL A 80 -9.61 -20.76 3.57
CA VAL A 80 -9.60 -22.22 3.49
C VAL A 80 -9.01 -22.81 4.77
N ARG A 81 -7.84 -22.33 5.16
CA ARG A 81 -7.16 -22.86 6.34
C ARG A 81 -8.02 -22.63 7.60
N CYS A 82 -8.64 -21.46 7.73
CA CYS A 82 -9.47 -21.19 8.91
C CYS A 82 -10.64 -22.19 8.99
N VAL A 83 -11.29 -22.44 7.85
CA VAL A 83 -12.38 -23.42 7.82
C VAL A 83 -11.86 -24.81 8.13
N GLN A 84 -10.74 -25.22 7.52
CA GLN A 84 -10.14 -26.52 7.84
C GLN A 84 -9.83 -26.71 9.33
N GLU A 85 -9.46 -25.64 10.01
CA GLU A 85 -9.06 -25.71 11.42
C GLU A 85 -10.23 -25.46 12.35
N GLY A 86 -11.43 -25.43 11.78
CA GLY A 86 -12.63 -25.42 12.60
C GLY A 86 -13.12 -24.06 13.07
N ALA A 87 -12.64 -22.97 12.47
CA ALA A 87 -13.17 -21.66 12.84
C ALA A 87 -14.61 -21.56 12.40
N SER A 88 -15.43 -20.89 13.22
CA SER A 88 -16.84 -20.66 12.87
C SER A 88 -16.97 -19.40 11.98
N ASP A 89 -18.11 -19.25 11.30
CA ASP A 89 -18.37 -18.02 10.56
C ASP A 89 -18.32 -16.80 11.52
N GLU A 90 -18.84 -16.94 12.73
CA GLU A 90 -18.84 -15.80 13.66
C GLU A 90 -17.41 -15.40 14.02
N GLU A 91 -16.54 -16.39 14.26
CA GLU A 91 -15.12 -16.06 14.52
C GLU A 91 -14.47 -15.33 13.34
N ILE A 92 -14.71 -15.88 12.15
CA ILE A 92 -14.20 -15.29 10.91
C ILE A 92 -14.70 -13.86 10.76
N PHE A 93 -15.98 -13.62 10.99
CA PHE A 93 -16.51 -12.28 10.80
C PHE A 93 -15.95 -11.31 11.83
N GLU A 94 -15.75 -11.75 13.07
CA GLU A 94 -15.11 -10.86 14.08
C GLU A 94 -13.71 -10.45 13.66
N ALA A 95 -12.96 -11.38 13.04
CA ALA A 95 -11.63 -11.07 12.55
C ALA A 95 -11.75 -10.10 11.35
N LEU A 96 -12.66 -10.38 10.42
CA LEU A 96 -12.81 -9.53 9.24
C LEU A 96 -13.22 -8.09 9.63
N ASP A 97 -14.00 -7.93 10.69
CA ASP A 97 -14.39 -6.61 11.20
C ASP A 97 -13.23 -5.79 11.66
N ILE A 98 -12.26 -6.44 12.33
CA ILE A 98 -11.03 -5.73 12.69
C ILE A 98 -10.35 -5.25 11.43
N ALA A 99 -10.21 -6.12 10.45
CA ALA A 99 -9.58 -5.72 9.20
C ALA A 99 -10.30 -4.57 8.49
N LEU A 100 -11.61 -4.59 8.53
CA LEU A 100 -12.42 -3.59 7.86
C LEU A 100 -12.19 -2.23 8.55
N VAL A 101 -12.31 -2.20 9.87
CA VAL A 101 -12.21 -0.92 10.56
C VAL A 101 -10.78 -0.35 10.45
N VAL A 102 -9.77 -1.21 10.59
CA VAL A 102 -8.37 -0.78 10.53
C VAL A 102 -7.97 -0.34 9.13
N GLY A 103 -8.34 -1.10 8.11
CA GLY A 103 -7.91 -0.84 6.73
C GLY A 103 -8.81 0.06 5.89
N GLY A 104 -10.04 0.34 6.34
CA GLY A 104 -10.93 1.30 5.68
C GLY A 104 -11.89 0.73 4.70
N SER A 105 -12.72 1.60 4.14
CA SER A 105 -13.70 1.19 3.17
C SER A 105 -13.13 0.59 1.91
N ILE A 106 -11.87 0.90 1.57
CA ILE A 106 -11.18 0.21 0.46
C ILE A 106 -11.12 -1.26 0.64
N VAL A 107 -11.32 -1.75 1.88
CA VAL A 107 -11.34 -3.19 2.13
C VAL A 107 -12.66 -3.84 1.67
N ILE A 108 -13.71 -3.04 1.53
CA ILE A 108 -15.06 -3.60 1.29
C ILE A 108 -15.16 -4.56 0.09
N PRO A 109 -14.64 -4.22 -1.09
CA PRO A 109 -14.66 -5.14 -2.24
C PRO A 109 -14.04 -6.50 -1.90
N HIS A 110 -12.97 -6.48 -1.11
CA HIS A 110 -12.31 -7.73 -0.66
C HIS A 110 -13.14 -8.52 0.34
N LEU A 111 -13.84 -7.79 1.20
CA LEU A 111 -14.72 -8.43 2.20
C LEU A 111 -15.86 -9.11 1.50
N ARG A 112 -16.39 -8.44 0.48
CA ARG A 112 -17.45 -9.01 -0.33
C ARG A 112 -17.00 -10.31 -0.95
N ARG A 113 -15.83 -10.29 -1.57
CA ARG A 113 -15.31 -11.52 -2.15
C ARG A 113 -15.01 -12.62 -1.12
N ALA A 114 -14.47 -12.23 0.04
CA ALA A 114 -14.19 -13.16 1.13
C ALA A 114 -15.47 -13.89 1.56
N VAL A 115 -16.55 -13.13 1.72
CA VAL A 115 -17.82 -13.73 2.16
C VAL A 115 -18.40 -14.68 1.11
N GLY A 116 -18.30 -14.32 -0.17
CA GLY A 116 -18.75 -15.22 -1.26
C GLY A 116 -17.99 -16.53 -1.25
N PHE A 117 -16.68 -16.43 -1.09
CA PHE A 117 -15.84 -17.62 -1.06
C PHE A 117 -16.12 -18.49 0.17
N LEU A 118 -16.35 -17.85 1.32
CA LEU A 118 -16.68 -18.62 2.54
C LEU A 118 -17.98 -19.40 2.33
N GLU A 119 -18.96 -18.74 1.74
CA GLU A 119 -20.23 -19.44 1.46
C GLU A 119 -20.04 -20.67 0.58
N GLU A 120 -19.16 -20.56 -0.41
CA GLU A 120 -18.81 -21.69 -1.29
C GLU A 120 -18.15 -22.82 -0.52
N LEU A 121 -17.24 -22.47 0.37
CA LEU A 121 -16.60 -23.45 1.25
C LEU A 121 -17.60 -24.14 2.16
N ARG A 122 -18.52 -23.37 2.74
CA ARG A 122 -19.58 -23.99 3.58
C ARG A 122 -20.50 -24.94 2.79
N GLU A 123 -20.77 -24.60 1.54
CA GLU A 123 -21.59 -25.49 0.68
C GLU A 123 -20.84 -26.80 0.42
N MET A 124 -19.53 -26.71 0.18
CA MET A 124 -18.70 -27.91 0.00
C MET A 124 -18.72 -28.78 1.26
N GLU A 125 -18.52 -28.14 2.42
CA GLU A 125 -18.62 -28.82 3.71
C GLU A 125 -19.98 -29.50 3.82
N LYS A 126 -21.05 -28.81 3.43
CA LYS A 126 -22.42 -29.35 3.58
C LYS A 126 -22.54 -30.66 2.76
N ASN A 127 -21.85 -30.70 1.63
CA ASN A 127 -21.93 -31.80 0.71
C ASN A 127 -20.86 -32.89 0.89
N GLY A 128 -20.03 -32.74 1.91
CA GLY A 128 -18.96 -33.71 2.16
C GLY A 128 -17.77 -33.61 1.24
N GLU A 129 -17.60 -32.48 0.57
CA GLU A 129 -16.52 -32.33 -0.38
C GLU A 129 -15.33 -31.73 0.40
N THR A 130 -14.25 -32.50 0.49
CA THR A 130 -13.19 -32.14 1.39
C THR A 130 -12.60 -30.90 0.88
N ILE A 131 -12.41 -29.99 1.83
CA ILE A 131 -11.70 -28.73 1.68
C ILE A 131 -10.20 -29.06 1.78
N SER A 132 -9.52 -29.09 0.64
CA SER A 132 -8.09 -29.42 0.60
C SER A 132 -7.31 -28.37 -0.20
N LEU A 133 -5.98 -28.44 -0.11
CA LEU A 133 -5.05 -27.58 -0.87
C LEU A 133 -3.93 -28.40 -1.53
N GLY B 33 -22.85 -10.40 8.31
CA GLY B 33 -21.80 -9.85 9.25
C GLY B 33 -22.35 -9.60 10.65
N THR B 34 -21.83 -8.55 11.31
CA THR B 34 -22.19 -8.21 12.68
C THR B 34 -22.75 -6.81 12.78
N LEU B 35 -23.11 -6.43 13.99
CA LEU B 35 -23.56 -5.05 14.26
C LEU B 35 -22.45 -4.05 13.92
N ASN B 36 -21.21 -4.43 14.21
CA ASN B 36 -20.06 -3.60 13.89
C ASN B 36 -19.88 -3.42 12.36
N THR B 37 -20.10 -4.48 11.59
CA THR B 37 -20.03 -4.36 10.13
C THR B 37 -21.07 -3.35 9.65
N LYS B 38 -22.28 -3.47 10.18
CA LYS B 38 -23.41 -2.58 9.81
C LYS B 38 -23.07 -1.14 10.16
N ARG B 39 -22.54 -0.92 11.37
CA ARG B 39 -22.17 0.42 11.80
C ARG B 39 -21.11 1.02 10.87
N PHE B 40 -20.16 0.21 10.42
CA PHE B 40 -19.12 0.70 9.52
C PHE B 40 -19.72 1.13 8.19
N PHE B 41 -20.59 0.30 7.62
CA PHE B 41 -21.23 0.67 6.37
C PHE B 41 -22.08 1.93 6.52
N ASN B 42 -22.77 2.07 7.66
CA ASN B 42 -23.59 3.27 7.91
C ASN B 42 -22.69 4.53 7.94
N LEU B 43 -21.51 4.41 8.55
CA LEU B 43 -20.57 5.54 8.61
C LEU B 43 -20.01 5.86 7.23
N ASP B 44 -19.69 4.86 6.42
CA ASP B 44 -19.23 5.03 5.05
C ASP B 44 -20.25 5.84 4.23
N SER B 45 -21.52 5.55 4.36
CA SER B 45 -22.53 6.39 3.69
C SER B 45 -22.57 7.80 4.29
N ALA B 46 -22.56 7.88 5.61
CA ALA B 46 -22.77 9.16 6.29
C ALA B 46 -21.74 10.22 5.95
N VAL B 47 -20.49 9.83 5.80
CA VAL B 47 -19.44 10.82 5.59
C VAL B 47 -19.53 11.54 4.24
N TYR B 48 -20.37 11.06 3.34
CA TYR B 48 -20.59 11.73 2.05
C TYR B 48 -21.88 12.57 1.96
N ARG B 49 -22.65 12.63 3.04
CA ARG B 49 -23.85 13.44 3.05
C ARG B 49 -23.42 14.92 3.06
N PRO B 50 -24.29 15.81 2.58
CA PRO B 50 -23.91 17.23 2.49
C PRO B 50 -23.65 17.87 3.86
N GLY B 51 -22.64 18.76 3.89
CA GLY B 51 -22.33 19.51 5.08
C GLY B 51 -21.93 20.88 4.59
N LYS B 52 -20.89 21.44 5.20
CA LYS B 52 -20.29 22.65 4.64
C LYS B 52 -19.62 22.36 3.33
N LEU B 53 -19.17 21.11 3.12
CA LEU B 53 -18.77 20.65 1.79
C LEU B 53 -19.98 20.01 1.12
N ASP B 54 -20.21 20.33 -0.14
CA ASP B 54 -21.35 19.74 -0.85
C ASP B 54 -21.04 18.33 -1.29
N VAL B 55 -22.10 17.62 -1.71
CA VAL B 55 -21.94 16.19 -2.05
C VAL B 55 -21.00 16.00 -3.25
N LYS B 56 -21.11 16.85 -4.26
CA LYS B 56 -20.21 16.76 -5.41
C LYS B 56 -18.75 16.81 -4.92
N THR B 57 -18.43 17.79 -4.06
CA THR B 57 -17.09 17.90 -3.55
C THR B 57 -16.65 16.68 -2.76
N LYS B 58 -17.53 16.20 -1.88
CA LYS B 58 -17.23 15.01 -1.07
C LYS B 58 -16.98 13.76 -1.95
N GLU B 59 -17.77 13.61 -2.96
CA GLU B 59 -17.60 12.46 -3.84
C GLU B 59 -16.28 12.58 -4.66
N LEU B 60 -15.88 13.81 -5.05
CA LEU B 60 -14.59 13.98 -5.72
C LEU B 60 -13.46 13.63 -4.77
N MET B 61 -13.63 13.98 -3.50
CA MET B 61 -12.62 13.58 -2.48
C MET B 61 -12.55 12.07 -2.34
N GLY B 62 -13.70 11.42 -2.31
CA GLY B 62 -13.78 9.95 -2.30
C GLY B 62 -13.02 9.36 -3.49
N LEU B 63 -13.24 9.96 -4.67
CA LEU B 63 -12.55 9.56 -5.90
C LEU B 63 -11.02 9.66 -5.77
N VAL B 64 -10.53 10.77 -5.27
CA VAL B 64 -9.09 10.96 -5.11
C VAL B 64 -8.52 9.92 -4.13
N ALA B 65 -9.18 9.74 -2.99
CA ALA B 65 -8.70 8.77 -2.00
C ALA B 65 -8.67 7.36 -2.59
N SER B 66 -9.74 7.01 -3.29
CA SER B 66 -9.93 5.67 -3.88
C SER B 66 -8.86 5.41 -4.93
N THR B 67 -8.46 6.47 -5.64
CA THR B 67 -7.52 6.36 -6.73
C THR B 67 -6.13 6.20 -6.21
N VAL B 68 -5.70 7.03 -5.25
CA VAL B 68 -4.37 6.84 -4.72
C VAL B 68 -4.17 5.52 -3.97
N LEU B 69 -5.26 4.96 -3.46
CA LEU B 69 -5.26 3.69 -2.77
C LEU B 69 -5.52 2.53 -3.72
N ARG B 70 -5.79 2.84 -4.99
CA ARG B 70 -5.84 1.85 -6.07
C ARG B 70 -6.90 0.78 -5.80
N CYS B 71 -8.11 1.24 -5.49
CA CYS B 71 -9.30 0.36 -5.32
C CYS B 71 -10.25 0.58 -6.52
N ASP B 72 -10.24 -0.35 -7.48
CA ASP B 72 -11.08 -0.14 -8.67
C ASP B 72 -12.57 -0.03 -8.40
N ASP B 73 -13.13 -0.90 -7.57
CA ASP B 73 -14.58 -0.84 -7.29
C ASP B 73 -14.96 0.48 -6.60
N CYS B 74 -14.07 0.97 -5.74
CA CYS B 74 -14.29 2.24 -5.03
C CYS B 74 -14.24 3.42 -6.05
N ILE B 75 -13.26 3.39 -6.95
CA ILE B 75 -13.17 4.39 -8.02
C ILE B 75 -14.48 4.40 -8.82
N ARG B 76 -14.95 3.21 -9.23
CA ARG B 76 -16.19 3.14 -10.03
C ARG B 76 -17.38 3.75 -9.27
N TYR B 77 -17.51 3.38 -8.00
CA TYR B 77 -18.56 3.93 -7.16
C TYR B 77 -18.56 5.44 -7.13
N HIS B 78 -17.39 6.01 -6.84
CA HIS B 78 -17.34 7.45 -6.71
C HIS B 78 -17.48 8.15 -8.05
N LEU B 79 -17.02 7.52 -9.15
CA LEU B 79 -17.26 8.11 -10.47
C LEU B 79 -18.74 8.19 -10.76
N VAL B 80 -19.49 7.13 -10.44
CA VAL B 80 -20.94 7.17 -10.65
C VAL B 80 -21.53 8.36 -9.87
N ARG B 81 -21.15 8.46 -8.58
CA ARG B 81 -21.69 9.55 -7.74
C ARG B 81 -21.28 10.94 -8.27
N CYS B 82 -20.02 11.10 -8.68
CA CYS B 82 -19.54 12.38 -9.26
C CYS B 82 -20.44 12.78 -10.45
N VAL B 83 -20.66 11.82 -11.35
CA VAL B 83 -21.44 12.04 -12.57
C VAL B 83 -22.88 12.40 -12.18
N GLN B 84 -23.46 11.63 -11.27
CA GLN B 84 -24.83 11.90 -10.76
C GLN B 84 -24.98 13.29 -10.14
N GLU B 85 -23.92 13.76 -9.47
CA GLU B 85 -23.91 15.09 -8.83
C GLU B 85 -23.46 16.23 -9.75
N GLY B 86 -23.31 15.98 -11.05
CA GLY B 86 -23.07 17.04 -12.02
C GLY B 86 -21.63 17.44 -12.24
N ALA B 87 -20.66 16.65 -11.75
CA ALA B 87 -19.28 16.93 -12.11
C ALA B 87 -19.04 16.78 -13.60
N SER B 88 -18.19 17.64 -14.11
CA SER B 88 -17.77 17.56 -15.50
C SER B 88 -16.58 16.67 -15.65
N ASP B 89 -16.30 16.24 -16.88
CA ASP B 89 -15.09 15.49 -17.12
C ASP B 89 -13.85 16.29 -16.75
N GLU B 90 -13.86 17.59 -17.04
CA GLU B 90 -12.68 18.39 -16.71
C GLU B 90 -12.45 18.42 -15.18
N GLU B 91 -13.53 18.58 -14.39
CA GLU B 91 -13.38 18.52 -12.94
C GLU B 91 -12.82 17.17 -12.49
N ILE B 92 -13.38 16.10 -13.05
CA ILE B 92 -12.92 14.75 -12.70
C ILE B 92 -11.47 14.55 -13.05
N PHE B 93 -11.07 14.97 -14.26
CA PHE B 93 -9.66 14.84 -14.65
C PHE B 93 -8.70 15.66 -13.78
N GLU B 94 -9.11 16.85 -13.34
CA GLU B 94 -8.23 17.63 -12.44
C GLU B 94 -8.00 16.92 -11.13
N ALA B 95 -9.05 16.25 -10.65
CA ALA B 95 -8.96 15.44 -9.45
C ALA B 95 -8.05 14.23 -9.62
N LEU B 96 -8.27 13.54 -10.73
CA LEU B 96 -7.44 12.35 -11.04
C LEU B 96 -5.97 12.72 -11.23
N ASP B 97 -5.68 13.91 -11.76
CA ASP B 97 -4.32 14.35 -11.91
C ASP B 97 -3.62 14.48 -10.53
N ILE B 98 -4.38 14.98 -9.53
CA ILE B 98 -3.80 15.06 -8.16
C ILE B 98 -3.44 13.65 -7.69
N ALA B 99 -4.38 12.72 -7.88
CA ALA B 99 -4.13 11.34 -7.44
C ALA B 99 -2.95 10.68 -8.15
N LEU B 100 -2.83 10.97 -9.42
CA LEU B 100 -1.71 10.46 -10.22
C LEU B 100 -0.40 10.99 -9.72
N VAL B 101 -0.31 12.30 -9.53
CA VAL B 101 0.95 12.84 -9.09
C VAL B 101 1.27 12.40 -7.66
N VAL B 102 0.30 12.39 -6.76
CA VAL B 102 0.55 12.02 -5.36
C VAL B 102 0.84 10.51 -5.17
N GLY B 103 0.09 9.69 -5.89
CA GLY B 103 0.17 8.22 -5.76
C GLY B 103 1.14 7.52 -6.67
N GLY B 104 1.64 8.21 -7.70
CA GLY B 104 2.66 7.64 -8.58
C GLY B 104 2.18 6.94 -9.84
N SER B 105 3.14 6.53 -10.67
CA SER B 105 2.82 5.83 -11.89
C SER B 105 2.18 4.47 -11.71
N ILE B 106 2.28 3.90 -10.48
CA ILE B 106 1.49 2.68 -10.14
C ILE B 106 0.03 2.91 -10.27
N VAL B 107 -0.42 4.16 -10.18
CA VAL B 107 -1.82 4.51 -10.39
C VAL B 107 -2.31 4.39 -11.84
N ILE B 108 -1.38 4.43 -12.80
CA ILE B 108 -1.79 4.52 -14.19
C ILE B 108 -2.80 3.46 -14.64
N PRO B 109 -2.60 2.18 -14.34
CA PRO B 109 -3.61 1.20 -14.76
C PRO B 109 -5.01 1.52 -14.25
N HIS B 110 -5.10 2.06 -13.03
CA HIS B 110 -6.37 2.41 -12.45
C HIS B 110 -6.95 3.64 -13.08
N LEU B 111 -6.10 4.58 -13.46
CA LEU B 111 -6.55 5.76 -14.19
C LEU B 111 -7.13 5.38 -15.54
N ARG B 112 -6.48 4.46 -16.24
CA ARG B 112 -6.98 3.94 -17.52
C ARG B 112 -8.38 3.38 -17.34
N ARG B 113 -8.54 2.51 -16.34
CA ARG B 113 -9.84 1.92 -16.05
C ARG B 113 -10.88 2.98 -15.70
N ALA B 114 -10.50 3.97 -14.92
CA ALA B 114 -11.41 5.04 -14.50
C ALA B 114 -11.91 5.77 -15.72
N VAL B 115 -11.02 6.06 -16.67
CA VAL B 115 -11.43 6.84 -17.85
C VAL B 115 -12.34 6.01 -18.76
N GLY B 116 -12.06 4.72 -18.92
CA GLY B 116 -12.95 3.84 -19.66
C GLY B 116 -14.34 3.78 -19.06
N PHE B 117 -14.40 3.72 -17.73
CA PHE B 117 -15.66 3.64 -17.05
C PHE B 117 -16.43 4.95 -17.18
N LEU B 118 -15.72 6.06 -17.03
CA LEU B 118 -16.33 7.37 -17.20
C LEU B 118 -16.92 7.52 -18.61
N GLU B 119 -16.23 7.02 -19.62
CA GLU B 119 -16.74 7.07 -20.99
C GLU B 119 -18.04 6.27 -21.13
N GLU B 120 -18.11 5.14 -20.46
CA GLU B 120 -19.34 4.34 -20.43
C GLU B 120 -20.49 5.11 -19.81
N LEU B 121 -20.22 5.79 -18.70
CA LEU B 121 -21.26 6.57 -18.04
C LEU B 121 -21.73 7.73 -18.95
N ARG B 122 -20.79 8.35 -19.67
CA ARG B 122 -21.14 9.48 -20.52
C ARG B 122 -21.96 9.01 -21.71
N GLU B 123 -21.69 7.79 -22.18
CA GLU B 123 -22.50 7.19 -23.24
C GLU B 123 -23.91 6.94 -22.72
N MET B 124 -24.04 6.40 -21.52
CA MET B 124 -25.36 6.25 -20.90
C MET B 124 -26.09 7.61 -20.82
N GLU B 125 -25.39 8.63 -20.33
CA GLU B 125 -25.94 10.00 -20.19
C GLU B 125 -26.44 10.51 -21.55
N LYS B 126 -25.58 10.42 -22.56
CA LYS B 126 -25.94 10.80 -23.95
C LYS B 126 -27.21 10.11 -24.44
N ASN B 127 -27.30 8.81 -24.14
CA ASN B 127 -28.40 7.96 -24.56
C ASN B 127 -29.65 8.06 -23.68
N GLY B 128 -29.62 8.90 -22.65
CA GLY B 128 -30.79 9.11 -21.79
C GLY B 128 -31.10 7.89 -20.94
N GLU B 129 -30.08 7.09 -20.66
CA GLU B 129 -30.21 5.87 -19.85
C GLU B 129 -29.92 6.24 -18.42
N THR B 130 -30.85 5.91 -17.52
CA THR B 130 -30.69 6.33 -16.12
C THR B 130 -29.50 5.64 -15.53
N ILE B 131 -28.72 6.43 -14.80
CA ILE B 131 -27.56 5.93 -14.08
C ILE B 131 -27.98 5.81 -12.62
N SER B 132 -28.07 4.58 -12.12
CA SER B 132 -28.50 4.37 -10.75
C SER B 132 -27.72 3.22 -10.13
N LEU B 133 -27.50 3.31 -8.81
CA LEU B 133 -26.79 2.29 -8.04
C LEU B 133 -27.75 1.34 -7.32
N GLY C 33 19.69 16.77 -7.27
CA GLY C 33 18.86 15.77 -8.05
C GLY C 33 19.20 15.79 -9.53
N THR C 34 18.21 15.62 -10.40
CA THR C 34 18.38 15.72 -11.82
C THR C 34 17.34 16.62 -12.44
N LEU C 35 17.45 16.77 -13.75
CA LEU C 35 16.44 17.46 -14.53
C LEU C 35 15.05 16.83 -14.31
N ASN C 36 15.01 15.51 -14.23
CA ASN C 36 13.78 14.78 -13.96
C ASN C 36 13.18 15.09 -12.58
N THR C 37 14.05 15.19 -11.57
CA THR C 37 13.57 15.54 -10.25
C THR C 37 12.91 16.91 -10.26
N LYS C 38 13.57 17.89 -10.90
CA LYS C 38 13.01 19.26 -10.97
C LYS C 38 11.67 19.26 -11.65
N ARG C 39 11.59 18.52 -12.75
CA ARG C 39 10.37 18.48 -13.55
C ARG C 39 9.21 17.88 -12.71
N PHE C 40 9.50 16.81 -11.96
CA PHE C 40 8.55 16.22 -11.09
C PHE C 40 8.07 17.19 -10.00
N PHE C 41 8.99 17.88 -9.32
CA PHE C 41 8.60 18.84 -8.30
C PHE C 41 7.71 19.92 -8.92
N ASN C 42 8.04 20.36 -10.13
CA ASN C 42 7.25 21.39 -10.79
C ASN C 42 5.84 20.88 -11.07
N LEU C 43 5.70 19.63 -11.48
CA LEU C 43 4.38 19.05 -11.73
C LEU C 43 3.58 18.95 -10.45
N ASP C 44 4.24 18.58 -9.37
CA ASP C 44 3.56 18.48 -8.08
C ASP C 44 2.93 19.84 -7.70
N SER C 45 3.66 20.91 -7.91
CA SER C 45 3.11 22.25 -7.68
C SER C 45 1.95 22.58 -8.64
N ALA C 46 2.14 22.26 -9.93
CA ALA C 46 1.19 22.62 -10.96
C ALA C 46 -0.15 21.98 -10.78
N VAL C 47 -0.19 20.72 -10.32
CA VAL C 47 -1.49 20.04 -10.25
C VAL C 47 -2.46 20.63 -9.22
N TYR C 48 -1.97 21.42 -8.28
CA TYR C 48 -2.82 22.10 -7.31
C TYR C 48 -3.23 23.51 -7.72
N ARG C 49 -2.75 24.00 -8.87
CA ARG C 49 -3.18 25.31 -9.33
C ARG C 49 -4.60 25.16 -9.83
N PRO C 50 -5.43 26.17 -9.65
CA PRO C 50 -6.85 25.97 -9.92
C PRO C 50 -7.15 25.88 -11.39
N GLY C 51 -8.27 25.23 -11.68
CA GLY C 51 -8.82 25.16 -13.03
C GLY C 51 -10.32 25.25 -12.93
N LYS C 52 -11.02 24.24 -13.45
CA LYS C 52 -12.45 24.10 -13.17
C LYS C 52 -12.70 23.79 -11.71
N LEU C 53 -11.72 23.17 -11.02
CA LEU C 53 -11.77 23.03 -9.56
C LEU C 53 -10.97 24.17 -8.94
N ASP C 54 -11.57 24.80 -7.92
CA ASP C 54 -10.91 25.92 -7.25
C ASP C 54 -9.77 25.48 -6.34
N VAL C 55 -8.97 26.44 -5.96
CA VAL C 55 -7.75 26.08 -5.20
C VAL C 55 -8.09 25.48 -3.82
N LYS C 56 -9.13 25.99 -3.15
CA LYS C 56 -9.47 25.41 -1.84
C LYS C 56 -9.77 23.91 -1.97
N THR C 57 -10.57 23.62 -2.98
CA THR C 57 -10.94 22.24 -3.32
C THR C 57 -9.71 21.38 -3.55
N LYS C 58 -8.81 21.86 -4.41
CA LYS C 58 -7.62 21.06 -4.70
C LYS C 58 -6.74 20.88 -3.47
N GLU C 59 -6.61 21.91 -2.64
CA GLU C 59 -5.77 21.75 -1.45
C GLU C 59 -6.41 20.77 -0.45
N LEU C 60 -7.76 20.83 -0.33
CA LEU C 60 -8.45 19.84 0.47
C LEU C 60 -8.25 18.43 -0.09
N MET C 61 -8.20 18.28 -1.41
CA MET C 61 -7.88 16.98 -2.02
C MET C 61 -6.47 16.52 -1.66
N GLY C 62 -5.51 17.43 -1.74
CA GLY C 62 -4.15 17.16 -1.29
C GLY C 62 -4.14 16.65 0.17
N LEU C 63 -4.90 17.32 1.03
CA LEU C 63 -5.00 16.90 2.41
C LEU C 63 -5.59 15.50 2.58
N VAL C 64 -6.66 15.23 1.87
CA VAL C 64 -7.28 13.89 1.90
C VAL C 64 -6.25 12.83 1.46
N ALA C 65 -5.58 13.06 0.32
CA ALA C 65 -4.66 12.05 -0.23
C ALA C 65 -3.51 11.85 0.75
N SER C 66 -2.98 12.95 1.29
CA SER C 66 -1.86 12.93 2.24
C SER C 66 -2.21 12.17 3.51
N THR C 67 -3.49 12.27 3.92
CA THR C 67 -3.94 11.62 5.14
C THR C 67 -4.14 10.11 4.93
N VAL C 68 -4.84 9.70 3.88
CA VAL C 68 -5.02 8.27 3.69
C VAL C 68 -3.69 7.56 3.39
N LEU C 69 -2.72 8.27 2.80
CA LEU C 69 -1.34 7.74 2.58
C LEU C 69 -0.36 7.97 3.74
N ARG C 70 -0.87 8.60 4.79
CA ARG C 70 -0.13 8.74 6.04
C ARG C 70 1.24 9.38 5.94
N CYS C 71 1.28 10.57 5.33
CA CYS C 71 2.47 11.41 5.22
C CYS C 71 2.29 12.68 6.03
N ASP C 72 2.93 12.72 7.20
CA ASP C 72 2.78 13.89 8.08
C ASP C 72 3.24 15.20 7.49
N ASP C 73 4.40 15.23 6.84
CA ASP C 73 4.85 16.51 6.28
C ASP C 73 3.90 16.98 5.17
N CYS C 74 3.35 16.02 4.42
CA CYS C 74 2.41 16.33 3.35
C CYS C 74 1.15 16.91 3.92
N ILE C 75 0.64 16.25 4.95
CA ILE C 75 -0.57 16.72 5.67
C ILE C 75 -0.37 18.17 6.15
N ARG C 76 0.77 18.41 6.79
CA ARG C 76 1.08 19.74 7.32
C ARG C 76 1.05 20.79 6.19
N TYR C 77 1.74 20.48 5.08
CA TYR C 77 1.78 21.37 3.97
C TYR C 77 0.37 21.75 3.47
N HIS C 78 -0.45 20.73 3.24
CA HIS C 78 -1.77 21.05 2.70
C HIS C 78 -2.68 21.70 3.71
N LEU C 79 -2.48 21.43 5.02
CA LEU C 79 -3.24 22.16 6.04
C LEU C 79 -2.95 23.64 5.98
N VAL C 80 -1.67 23.99 5.96
CA VAL C 80 -1.29 25.39 5.80
C VAL C 80 -2.01 26.01 4.59
N ARG C 81 -1.91 25.35 3.44
CA ARG C 81 -2.55 25.85 2.23
C ARG C 81 -4.06 25.98 2.37
N CYS C 82 -4.70 25.01 3.00
CA CYS C 82 -6.16 25.11 3.19
C CYS C 82 -6.51 26.33 4.03
N VAL C 83 -5.78 26.54 5.11
CA VAL C 83 -6.00 27.71 5.97
C VAL C 83 -5.79 29.00 5.17
N GLN C 84 -4.68 29.06 4.42
CA GLN C 84 -4.39 30.21 3.58
C GLN C 84 -5.52 30.52 2.59
N GLU C 85 -6.14 29.47 2.04
CA GLU C 85 -7.16 29.67 1.04
C GLU C 85 -8.53 29.77 1.66
N GLY C 86 -8.61 29.96 2.98
CA GLY C 86 -9.89 30.25 3.65
C GLY C 86 -10.76 29.08 4.03
N ALA C 87 -10.21 27.88 4.01
CA ALA C 87 -11.00 26.73 4.50
C ALA C 87 -11.34 26.90 5.98
N SER C 88 -12.57 26.51 6.33
CA SER C 88 -13.00 26.52 7.70
C SER C 88 -12.55 25.22 8.38
N ASP C 89 -12.52 25.23 9.71
CA ASP C 89 -12.27 23.99 10.45
C ASP C 89 -13.28 22.93 10.07
N GLU C 90 -14.55 23.31 9.92
CA GLU C 90 -15.56 22.33 9.56
C GLU C 90 -15.29 21.69 8.20
N GLU C 91 -14.94 22.49 7.21
CA GLU C 91 -14.58 21.91 5.87
C GLU C 91 -13.43 20.95 6.00
N ILE C 92 -12.40 21.36 6.74
CA ILE C 92 -11.24 20.48 6.98
C ILE C 92 -11.68 19.17 7.67
N PHE C 93 -12.48 19.27 8.73
CA PHE C 93 -12.90 18.10 9.45
C PHE C 93 -13.73 17.14 8.54
N GLU C 94 -14.60 17.71 7.69
CA GLU C 94 -15.43 16.88 6.81
C GLU C 94 -14.57 16.11 5.80
N ALA C 95 -13.52 16.77 5.34
CA ALA C 95 -12.55 16.10 4.49
C ALA C 95 -11.76 15.03 5.21
N LEU C 96 -11.27 15.35 6.42
CA LEU C 96 -10.53 14.39 7.24
C LEU C 96 -11.40 13.17 7.56
N ASP C 97 -12.71 13.35 7.75
CA ASP C 97 -13.61 12.21 7.98
C ASP C 97 -13.69 11.23 6.79
N ILE C 98 -13.68 11.76 5.56
CA ILE C 98 -13.62 10.92 4.36
C ILE C 98 -12.30 10.15 4.38
N ALA C 99 -11.16 10.79 4.66
CA ALA C 99 -9.89 10.10 4.71
C ALA C 99 -9.86 9.01 5.78
N LEU C 100 -10.51 9.28 6.89
CA LEU C 100 -10.60 8.32 8.01
C LEU C 100 -11.39 7.08 7.62
N VAL C 101 -12.54 7.26 6.99
CA VAL C 101 -13.34 6.08 6.60
C VAL C 101 -12.72 5.32 5.43
N VAL C 102 -12.18 6.03 4.44
CA VAL C 102 -11.58 5.36 3.30
C VAL C 102 -10.28 4.63 3.68
N GLY C 103 -9.44 5.35 4.42
CA GLY C 103 -8.11 4.87 4.83
C GLY C 103 -8.01 4.02 6.07
N GLY C 104 -9.07 4.02 6.88
CA GLY C 104 -9.11 3.16 8.02
C GLY C 104 -8.60 3.77 9.32
N SER C 105 -8.88 3.10 10.42
CA SER C 105 -8.47 3.58 11.74
C SER C 105 -6.94 3.61 11.89
N ILE C 106 -6.24 2.94 10.97
CA ILE C 106 -4.78 3.10 10.93
C ILE C 106 -4.32 4.57 10.73
N VAL C 107 -5.17 5.43 10.18
CA VAL C 107 -4.80 6.84 10.00
C VAL C 107 -4.98 7.68 11.26
N ILE C 108 -5.57 7.13 12.32
CA ILE C 108 -5.92 7.93 13.51
C ILE C 108 -4.74 8.72 14.05
N PRO C 109 -3.57 8.14 14.23
CA PRO C 109 -2.45 8.95 14.76
C PRO C 109 -2.16 10.18 13.91
N HIS C 110 -2.27 10.06 12.58
CA HIS C 110 -2.04 11.22 11.71
C HIS C 110 -3.12 12.23 11.77
N LEU C 111 -4.36 11.75 11.89
CA LEU C 111 -5.53 12.64 12.05
C LEU C 111 -5.40 13.45 13.33
N ARG C 112 -5.00 12.79 14.41
CA ARG C 112 -4.75 13.51 15.67
C ARG C 112 -3.71 14.61 15.54
N ARG C 113 -2.61 14.27 14.91
CA ARG C 113 -1.55 15.26 14.66
C ARG C 113 -2.01 16.39 13.73
N ALA C 114 -2.88 16.05 12.75
CA ALA C 114 -3.43 17.08 11.84
C ALA C 114 -4.25 18.12 12.60
N VAL C 115 -5.14 17.63 13.44
CA VAL C 115 -5.98 18.53 14.24
C VAL C 115 -5.14 19.38 15.20
N GLY C 116 -4.11 18.79 15.80
CA GLY C 116 -3.21 19.55 16.67
C GLY C 116 -2.47 20.68 15.97
N PHE C 117 -1.99 20.39 14.77
CA PHE C 117 -1.33 21.41 13.93
C PHE C 117 -2.30 22.50 13.44
N LEU C 118 -3.51 22.10 13.05
CA LEU C 118 -4.55 23.10 12.75
C LEU C 118 -4.78 24.09 13.92
N GLU C 119 -4.89 23.55 15.13
CA GLU C 119 -5.11 24.40 16.29
C GLU C 119 -3.96 25.38 16.46
N GLU C 120 -2.75 24.92 16.18
CA GLU C 120 -1.59 25.80 16.27
C GLU C 120 -1.72 26.95 15.27
N LEU C 121 -2.10 26.60 14.04
CA LEU C 121 -2.32 27.61 13.00
C LEU C 121 -3.38 28.63 13.42
N ARG C 122 -4.49 28.16 13.98
CA ARG C 122 -5.57 29.06 14.37
C ARG C 122 -5.11 30.00 15.48
N GLU C 123 -4.30 29.47 16.41
CA GLU C 123 -3.77 30.29 17.49
C GLU C 123 -2.82 31.36 16.94
N MET C 124 -1.97 30.99 15.97
CA MET C 124 -1.12 31.98 15.31
C MET C 124 -1.96 33.11 14.74
N GLU C 125 -2.97 32.70 13.99
CA GLU C 125 -3.96 33.62 13.42
C GLU C 125 -4.54 34.58 14.45
N LYS C 126 -5.00 34.06 15.58
CA LYS C 126 -5.59 34.93 16.62
C LYS C 126 -4.59 35.85 17.29
N ASN C 127 -3.31 35.50 17.20
CA ASN C 127 -2.23 36.31 17.78
C ASN C 127 -1.67 37.32 16.77
N GLY C 128 -2.27 37.37 15.59
CA GLY C 128 -1.86 38.34 14.58
C GLY C 128 -0.63 37.92 13.82
N GLU C 129 -0.25 36.65 13.94
CA GLU C 129 0.93 36.12 13.30
C GLU C 129 0.61 35.56 11.93
N THR C 130 1.60 35.56 11.05
CA THR C 130 1.36 35.26 9.65
C THR C 130 1.62 33.81 9.35
N ILE C 131 0.67 33.23 8.62
CA ILE C 131 0.74 31.86 8.13
C ILE C 131 1.37 31.97 6.74
N SER C 132 2.69 31.74 6.72
CA SER C 132 3.49 31.77 5.53
C SER C 132 4.13 30.39 5.31
N SER D 31 -15.64 20.65 18.85
CA SER D 31 -14.41 21.51 18.62
C SER D 31 -13.34 20.84 17.74
N ARG D 32 -13.24 19.52 17.89
CA ARG D 32 -12.37 18.69 17.08
C ARG D 32 -13.25 17.61 16.45
N GLY D 33 -13.36 17.67 15.15
CA GLY D 33 -14.02 16.65 14.38
C GLY D 33 -15.51 16.89 14.32
N THR D 34 -16.19 15.83 13.89
CA THR D 34 -17.62 15.82 13.78
C THR D 34 -18.19 14.66 14.55
N LEU D 35 -19.52 14.56 14.54
CA LEU D 35 -20.19 13.39 15.11
C LEU D 35 -19.77 12.10 14.42
N ASN D 36 -19.48 12.18 13.13
CA ASN D 36 -18.98 11.01 12.39
C ASN D 36 -17.60 10.58 12.88
N THR D 37 -16.74 11.53 13.21
CA THR D 37 -15.44 11.21 13.72
C THR D 37 -15.58 10.44 15.01
N LYS D 38 -16.46 10.94 15.89
CA LYS D 38 -16.66 10.32 17.18
C LYS D 38 -17.20 8.90 17.04
N ARG D 39 -18.14 8.72 16.14
CA ARG D 39 -18.69 7.40 15.94
C ARG D 39 -17.66 6.44 15.40
N PHE D 40 -16.77 6.94 14.54
CA PHE D 40 -15.74 6.07 14.02
C PHE D 40 -14.72 5.64 15.07
N PHE D 41 -14.27 6.57 15.90
CA PHE D 41 -13.40 6.21 17.02
C PHE D 41 -14.06 5.17 17.93
N ASN D 42 -15.36 5.34 18.21
CA ASN D 42 -16.08 4.38 19.03
C ASN D 42 -16.11 2.98 18.42
N LEU D 43 -16.27 2.94 17.09
CA LEU D 43 -16.33 1.66 16.37
C LEU D 43 -14.96 0.99 16.43
N ASP D 44 -13.89 1.78 16.33
CA ASP D 44 -12.55 1.25 16.49
C ASP D 44 -12.34 0.58 17.87
N SER D 45 -12.83 1.19 18.95
CA SER D 45 -12.78 0.53 20.26
C SER D 45 -13.64 -0.73 20.26
N ALA D 46 -14.84 -0.65 19.68
CA ALA D 46 -15.82 -1.74 19.75
C ALA D 46 -15.37 -3.02 19.10
N VAL D 47 -14.64 -2.92 17.99
CA VAL D 47 -14.33 -4.15 17.22
C VAL D 47 -13.29 -5.03 17.99
N TYR D 48 -12.65 -4.46 19.01
CA TYR D 48 -11.67 -5.21 19.85
C TYR D 48 -12.29 -5.79 21.13
N ARG D 49 -13.59 -5.56 21.37
CA ARG D 49 -14.25 -6.15 22.50
C ARG D 49 -14.54 -7.63 22.22
N PRO D 50 -14.51 -8.43 23.27
CA PRO D 50 -14.58 -9.87 23.08
C PRO D 50 -15.94 -10.30 22.59
N GLY D 51 -15.92 -11.36 21.79
CA GLY D 51 -17.13 -12.01 21.30
C GLY D 51 -16.81 -13.48 21.33
N LYS D 52 -17.03 -14.16 20.21
CA LYS D 52 -16.54 -15.52 20.07
C LYS D 52 -15.03 -15.62 20.09
N LEU D 53 -14.35 -14.56 19.65
CA LEU D 53 -12.92 -14.43 19.85
C LEU D 53 -12.66 -13.67 21.12
N ASP D 54 -11.73 -14.16 21.91
CA ASP D 54 -11.42 -13.48 23.15
C ASP D 54 -10.60 -12.21 22.94
N VAL D 55 -10.55 -11.38 23.99
CA VAL D 55 -9.88 -10.09 23.88
C VAL D 55 -8.38 -10.24 23.57
N LYS D 56 -7.71 -11.24 24.15
CA LYS D 56 -6.27 -11.41 23.90
C LYS D 56 -6.04 -11.66 22.40
N THR D 57 -6.88 -12.53 21.82
CA THR D 57 -6.79 -12.84 20.41
C THR D 57 -7.02 -11.60 19.55
N LYS D 58 -8.08 -10.85 19.87
CA LYS D 58 -8.36 -9.63 19.10
C LYS D 58 -7.26 -8.58 19.21
N GLU D 59 -6.64 -8.45 20.39
CA GLU D 59 -5.56 -7.45 20.54
C GLU D 59 -4.28 -7.92 19.81
N LEU D 60 -4.05 -9.24 19.79
CA LEU D 60 -2.98 -9.82 18.95
C LEU D 60 -3.28 -9.55 17.47
N MET D 61 -4.55 -9.64 17.05
CA MET D 61 -4.88 -9.30 15.65
C MET D 61 -4.64 -7.84 15.37
N GLY D 62 -5.01 -6.98 16.31
CA GLY D 62 -4.68 -5.54 16.17
C GLY D 62 -3.19 -5.28 16.06
N LEU D 63 -2.40 -6.03 16.83
CA LEU D 63 -0.97 -5.97 16.74
C LEU D 63 -0.47 -6.36 15.34
N VAL D 64 -0.97 -7.46 14.83
CA VAL D 64 -0.55 -7.96 13.51
C VAL D 64 -0.88 -6.91 12.43
N ALA D 65 -2.10 -6.40 12.47
CA ALA D 65 -2.54 -5.42 11.46
C ALA D 65 -1.71 -4.14 11.54
N SER D 66 -1.46 -3.69 12.77
CA SER D 66 -0.68 -2.47 13.01
C SER D 66 0.75 -2.61 12.54
N THR D 67 1.32 -3.82 12.67
CA THR D 67 2.69 -4.09 12.24
C THR D 67 2.83 -4.19 10.74
N VAL D 68 1.96 -4.96 10.07
CA VAL D 68 2.06 -5.03 8.59
C VAL D 68 1.79 -3.70 7.89
N LEU D 69 0.97 -2.84 8.53
CA LEU D 69 0.67 -1.49 8.05
C LEU D 69 1.65 -0.45 8.57
N ARG D 70 2.57 -0.85 9.42
CA ARG D 70 3.70 -0.01 9.82
C ARG D 70 3.28 1.30 10.47
N CYS D 71 2.44 1.18 11.51
CA CYS D 71 2.00 2.31 12.33
C CYS D 71 2.54 2.15 13.76
N ASP D 72 3.57 2.90 14.10
CA ASP D 72 4.20 2.73 15.39
C ASP D 72 3.29 3.02 16.58
N ASP D 73 2.50 4.08 16.53
CA ASP D 73 1.62 4.37 17.67
C ASP D 73 0.59 3.27 17.87
N CYS D 74 0.14 2.70 16.75
CA CYS D 74 -0.85 1.62 16.79
C CYS D 74 -0.21 0.34 17.37
N ILE D 75 1.00 0.05 16.93
CA ILE D 75 1.75 -1.10 17.47
C ILE D 75 1.90 -0.95 18.97
N ARG D 76 2.35 0.22 19.43
CA ARG D 76 2.56 0.45 20.87
C ARG D 76 1.29 0.29 21.67
N TYR D 77 0.18 0.83 21.14
CA TYR D 77 -1.14 0.68 21.81
C TYR D 77 -1.51 -0.82 21.96
N HIS D 78 -1.47 -1.55 20.85
CA HIS D 78 -1.87 -2.97 20.91
C HIS D 78 -0.86 -3.81 21.71
N LEU D 79 0.43 -3.47 21.72
CA LEU D 79 1.36 -4.19 22.59
C LEU D 79 0.96 -4.04 24.05
N VAL D 80 0.71 -2.79 24.47
CA VAL D 80 0.25 -2.55 25.83
C VAL D 80 -0.98 -3.42 26.12
N ARG D 81 -1.99 -3.38 25.23
CA ARG D 81 -3.20 -4.17 25.45
C ARG D 81 -2.93 -5.66 25.53
N CYS D 82 -2.01 -6.14 24.68
CA CYS D 82 -1.66 -7.57 24.69
C CYS D 82 -1.09 -7.96 26.05
N VAL D 83 -0.19 -7.15 26.57
CA VAL D 83 0.44 -7.40 27.86
C VAL D 83 -0.62 -7.35 28.96
N GLN D 84 -1.45 -6.31 28.92
CA GLN D 84 -2.57 -6.17 29.89
C GLN D 84 -3.51 -7.38 29.95
N GLU D 85 -3.80 -7.94 28.77
CA GLU D 85 -4.66 -9.11 28.65
C GLU D 85 -3.94 -10.47 28.81
N GLY D 86 -2.69 -10.42 29.29
CA GLY D 86 -1.97 -11.64 29.67
C GLY D 86 -1.31 -12.45 28.58
N ALA D 87 -1.10 -11.85 27.41
CA ALA D 87 -0.32 -12.49 26.37
C ALA D 87 1.11 -12.71 26.84
N SER D 88 1.69 -13.84 26.48
CA SER D 88 3.10 -14.12 26.77
C SER D 88 3.97 -13.51 25.68
N ASP D 89 5.26 -13.36 25.99
CA ASP D 89 6.20 -12.90 24.98
C ASP D 89 6.19 -13.83 23.79
N GLU D 90 6.08 -15.14 24.04
CA GLU D 90 6.07 -16.09 22.91
C GLU D 90 4.84 -15.93 22.01
N GLU D 91 3.68 -15.72 22.60
CA GLU D 91 2.46 -15.42 21.80
C GLU D 91 2.69 -14.18 20.98
N ILE D 92 3.25 -13.13 21.58
CA ILE D 92 3.49 -11.88 20.85
C ILE D 92 4.50 -12.11 19.73
N PHE D 93 5.59 -12.84 20.03
CA PHE D 93 6.58 -13.11 18.99
C PHE D 93 6.02 -13.90 17.79
N GLU D 94 5.20 -14.90 18.08
CA GLU D 94 4.64 -15.72 17.01
C GLU D 94 3.71 -14.87 16.16
N ALA D 95 2.99 -13.95 16.78
CA ALA D 95 2.16 -12.99 16.02
C ALA D 95 2.99 -12.07 15.14
N LEU D 96 4.03 -11.51 15.73
CA LEU D 96 4.97 -10.63 15.01
C LEU D 96 5.62 -11.36 13.84
N ASP D 97 5.96 -12.65 13.98
CA ASP D 97 6.52 -13.41 12.87
C ASP D 97 5.58 -13.49 11.66
N ILE D 98 4.29 -13.62 11.93
CA ILE D 98 3.29 -13.68 10.84
C ILE D 98 3.28 -12.33 10.15
N ALA D 99 3.26 -11.24 10.95
CA ALA D 99 3.33 -9.90 10.34
C ALA D 99 4.60 -9.67 9.50
N LEU D 100 5.72 -10.18 10.00
CA LEU D 100 7.02 -10.06 9.30
C LEU D 100 6.99 -10.75 7.95
N VAL D 101 6.49 -11.97 7.90
CA VAL D 101 6.42 -12.73 6.63
C VAL D 101 5.39 -12.16 5.66
N VAL D 102 4.21 -11.83 6.14
CA VAL D 102 3.19 -11.24 5.29
C VAL D 102 3.61 -9.85 4.79
N GLY D 103 4.08 -9.01 5.69
CA GLY D 103 4.38 -7.63 5.37
C GLY D 103 5.76 -7.32 4.84
N GLY D 104 6.69 -8.27 4.97
CA GLY D 104 8.01 -8.15 4.40
C GLY D 104 9.05 -7.60 5.31
N SER D 105 10.30 -7.66 4.85
CA SER D 105 11.45 -7.08 5.56
C SER D 105 11.36 -5.56 5.79
N ILE D 106 10.50 -4.90 5.02
CA ILE D 106 10.21 -3.49 5.24
C ILE D 106 9.66 -3.21 6.65
N VAL D 107 9.10 -4.24 7.28
CA VAL D 107 8.57 -4.09 8.64
C VAL D 107 9.63 -4.20 9.75
N ILE D 108 10.85 -4.63 9.40
CA ILE D 108 11.87 -4.89 10.41
C ILE D 108 12.11 -3.72 11.40
N PRO D 109 12.28 -2.48 10.95
CA PRO D 109 12.47 -1.37 11.92
C PRO D 109 11.33 -1.23 12.92
N HIS D 110 10.10 -1.49 12.50
CA HIS D 110 8.96 -1.46 13.40
C HIS D 110 8.97 -2.64 14.37
N LEU D 111 9.31 -3.81 13.85
CA LEU D 111 9.42 -5.01 14.68
C LEU D 111 10.45 -4.82 15.79
N ARG D 112 11.58 -4.24 15.43
CA ARG D 112 12.66 -3.94 16.37
C ARG D 112 12.20 -3.00 17.49
N ARG D 113 11.51 -1.95 17.09
CA ARG D 113 10.95 -1.01 18.06
C ARG D 113 9.90 -1.66 18.97
N ALA D 114 9.07 -2.54 18.38
CA ALA D 114 8.05 -3.29 19.13
C ALA D 114 8.71 -4.16 20.22
N VAL D 115 9.74 -4.91 19.84
CA VAL D 115 10.38 -5.80 20.82
C VAL D 115 11.04 -4.96 21.92
N GLY D 116 11.65 -3.84 21.56
CA GLY D 116 12.24 -2.98 22.58
C GLY D 116 11.21 -2.42 23.56
N PHE D 117 10.06 -2.04 23.03
CA PHE D 117 8.98 -1.50 23.86
C PHE D 117 8.40 -2.59 24.75
N LEU D 118 8.25 -3.81 24.23
CA LEU D 118 7.80 -4.93 25.06
C LEU D 118 8.75 -5.14 26.25
N GLU D 119 10.04 -5.02 26.01
CA GLU D 119 11.01 -5.21 27.10
C GLU D 119 10.84 -4.15 28.17
N GLU D 120 10.57 -2.91 27.75
CA GLU D 120 10.24 -1.88 28.75
C GLU D 120 9.00 -2.24 29.57
N LEU D 121 7.97 -2.78 28.89
CA LEU D 121 6.74 -3.13 29.60
C LEU D 121 7.00 -4.24 30.63
N ARG D 122 7.83 -5.21 30.28
CA ARG D 122 8.13 -6.31 31.21
C ARG D 122 8.90 -5.81 32.42
N GLU D 123 9.80 -4.86 32.19
CA GLU D 123 10.57 -4.26 33.30
C GLU D 123 9.64 -3.51 34.26
N MET D 124 8.71 -2.73 33.72
CA MET D 124 7.71 -2.08 34.56
C MET D 124 6.96 -3.10 35.41
N GLU D 125 6.50 -4.17 34.77
CA GLU D 125 5.84 -5.27 35.48
C GLU D 125 6.68 -5.81 36.63
N LYS D 126 7.96 -6.07 36.39
CA LYS D 126 8.83 -6.59 37.44
C LYS D 126 9.01 -5.57 38.57
N ASN D 127 8.94 -4.28 38.25
CA ASN D 127 9.03 -3.21 39.27
C ASN D 127 7.68 -2.83 39.90
N GLY D 128 6.63 -3.57 39.56
CA GLY D 128 5.31 -3.37 40.14
C GLY D 128 4.58 -2.10 39.71
N GLU D 129 5.01 -1.51 38.60
CA GLU D 129 4.35 -0.33 38.05
C GLU D 129 3.12 -0.75 37.26
N THR D 130 2.08 0.06 37.36
CA THR D 130 0.82 -0.21 36.65
C THR D 130 1.01 0.21 35.20
N ILE D 131 0.50 -0.61 34.28
CA ILE D 131 0.82 -0.49 32.86
C ILE D 131 -0.06 0.55 32.12
N GLU E 14 -1.36 -13.02 -20.92
CA GLU E 14 -1.75 -12.56 -22.28
C GLU E 14 -0.98 -11.30 -22.69
N TYR E 15 -0.21 -11.43 -23.76
CA TYR E 15 0.63 -10.35 -24.22
C TYR E 15 -0.07 -9.41 -25.20
N LYS E 16 -0.76 -9.98 -26.17
CA LYS E 16 -1.42 -9.17 -27.20
C LYS E 16 -2.37 -8.19 -26.55
N LYS E 17 -3.14 -8.68 -25.59
CA LYS E 17 -4.14 -7.86 -24.94
C LYS E 17 -3.43 -6.72 -24.23
N PHE E 18 -2.26 -7.02 -23.69
CA PHE E 18 -1.50 -6.04 -22.94
C PHE E 18 -1.07 -4.90 -23.87
N VAL E 19 -0.61 -5.27 -25.06
CA VAL E 19 -0.08 -4.29 -26.01
C VAL E 19 -1.20 -3.32 -26.45
N GLU E 20 -2.35 -3.87 -26.82
CA GLU E 20 -3.43 -3.04 -27.37
C GLU E 20 -4.02 -2.07 -26.33
N ALA E 21 -4.08 -2.49 -25.08
CA ALA E 21 -4.62 -1.64 -24.01
C ALA E 21 -3.65 -0.51 -23.68
N ARG E 22 -2.36 -0.80 -23.75
CA ARG E 22 -1.36 0.23 -23.55
C ARG E 22 -1.48 1.24 -24.69
N ARG E 23 -1.55 0.71 -25.91
CA ARG E 23 -1.70 1.53 -27.09
C ARG E 23 -2.88 2.49 -26.96
N GLU E 24 -4.03 1.94 -26.58
CA GLU E 24 -5.26 2.74 -26.58
C GLU E 24 -5.18 3.81 -25.50
N LEU E 25 -4.59 3.48 -24.36
CA LEU E 25 -4.44 4.43 -23.25
C LEU E 25 -3.57 5.62 -23.64
N ASN E 26 -2.40 5.33 -24.21
CA ASN E 26 -1.53 6.42 -24.63
C ASN E 26 -2.22 7.28 -25.67
N GLU E 27 -2.98 6.66 -26.57
CA GLU E 27 -3.76 7.41 -27.54
C GLU E 27 -4.76 8.30 -26.81
N LYS E 28 -5.34 7.78 -25.74
CA LYS E 28 -6.35 8.51 -24.99
C LYS E 28 -5.70 9.68 -24.25
N VAL E 29 -4.56 9.43 -23.61
CA VAL E 29 -3.84 10.48 -22.89
C VAL E 29 -3.47 11.58 -23.88
N SER E 31 -5.29 11.98 -26.43
CA SER E 31 -6.57 12.65 -26.63
C SER E 31 -6.98 13.47 -25.40
N ARG E 32 -7.60 12.83 -24.40
CA ARG E 32 -8.35 13.53 -23.33
C ARG E 32 -7.54 14.04 -22.12
N GLY E 33 -6.24 13.76 -22.05
CA GLY E 33 -5.46 14.16 -20.87
C GLY E 33 -5.32 15.67 -20.72
N THR E 34 -5.12 16.16 -19.49
CA THR E 34 -4.73 17.56 -19.31
C THR E 34 -3.27 17.66 -19.64
N LEU E 35 -2.78 18.89 -19.74
CA LEU E 35 -1.35 19.08 -19.93
C LEU E 35 -0.56 18.41 -18.82
N ASN E 36 -1.11 18.45 -17.61
CA ASN E 36 -0.45 17.82 -16.45
C ASN E 36 -0.35 16.31 -16.61
N THR E 37 -1.41 15.68 -17.10
CA THR E 37 -1.40 14.22 -17.28
C THR E 37 -0.32 13.86 -18.29
N LYS E 38 -0.28 14.63 -19.38
CA LYS E 38 0.73 14.35 -20.44
C LYS E 38 2.16 14.52 -19.95
N ARG E 39 2.39 15.56 -19.15
CA ARG E 39 3.71 15.78 -18.54
C ARG E 39 4.11 14.62 -17.65
N PHE E 40 3.17 14.15 -16.84
CA PHE E 40 3.47 13.02 -15.94
C PHE E 40 3.86 11.77 -16.75
N PHE E 41 3.09 11.45 -17.78
CA PHE E 41 3.39 10.29 -18.59
C PHE E 41 4.75 10.41 -19.24
N ASN E 42 5.12 11.60 -19.69
CA ASN E 42 6.41 11.81 -20.32
C ASN E 42 7.54 11.63 -19.29
N LEU E 43 7.33 12.08 -18.05
CA LEU E 43 8.32 11.88 -17.01
C LEU E 43 8.50 10.40 -16.67
N ASP E 44 7.39 9.66 -16.64
CA ASP E 44 7.39 8.21 -16.40
C ASP E 44 8.27 7.53 -17.45
N SER E 45 8.19 7.96 -18.70
CA SER E 45 9.08 7.39 -19.74
C SER E 45 10.52 7.87 -19.56
N ALA E 46 10.69 9.16 -19.25
CA ALA E 46 12.01 9.75 -19.13
C ALA E 46 12.94 9.11 -18.08
N VAL E 47 12.38 8.76 -16.91
CA VAL E 47 13.20 8.24 -15.79
C VAL E 47 13.81 6.88 -16.07
N TYR E 48 13.36 6.17 -17.13
CA TYR E 48 13.96 4.92 -17.51
C TYR E 48 14.94 5.04 -18.67
N ARG E 49 15.11 6.25 -19.24
CA ARG E 49 16.12 6.47 -20.27
C ARG E 49 17.51 6.37 -19.60
N PRO E 50 18.49 5.85 -20.33
CA PRO E 50 19.79 5.56 -19.72
C PRO E 50 20.56 6.82 -19.33
N GLY E 51 21.36 6.73 -18.28
CA GLY E 51 22.30 7.79 -17.88
C GLY E 51 23.53 7.06 -17.38
N LYS E 52 23.95 7.37 -16.15
CA LYS E 52 25.04 6.62 -15.54
C LYS E 52 24.57 5.21 -15.21
N LEU E 53 23.24 5.00 -14.99
CA LEU E 53 22.68 3.67 -14.95
C LEU E 53 22.11 3.30 -16.32
N ASP E 54 22.39 2.08 -16.74
CA ASP E 54 21.97 1.64 -18.05
C ASP E 54 20.53 1.21 -18.09
N VAL E 55 20.00 1.04 -19.29
CA VAL E 55 18.59 0.79 -19.41
C VAL E 55 18.18 -0.54 -18.76
N LYS E 56 19.00 -1.58 -18.92
CA LYS E 56 18.63 -2.85 -18.28
C LYS E 56 18.48 -2.69 -16.77
N THR E 57 19.41 -1.97 -16.17
CA THR E 57 19.41 -1.71 -14.75
C THR E 57 18.16 -0.94 -14.35
N LYS E 58 17.86 0.12 -15.08
CA LYS E 58 16.68 0.95 -14.73
C LYS E 58 15.37 0.17 -14.87
N GLU E 59 15.28 -0.65 -15.92
CA GLU E 59 14.06 -1.48 -16.10
C GLU E 59 13.92 -2.56 -15.01
N LEU E 60 15.02 -3.13 -14.57
CA LEU E 60 15.02 -4.04 -13.43
C LEU E 60 14.59 -3.32 -12.14
N MET E 61 15.00 -2.07 -11.95
CA MET E 61 14.48 -1.27 -10.83
C MET E 61 13.00 -0.99 -10.93
N GLY E 62 12.52 -0.69 -12.14
CA GLY E 62 11.10 -0.52 -12.35
C GLY E 62 10.36 -1.82 -11.95
N LEU E 63 10.95 -2.95 -12.31
CA LEU E 63 10.34 -4.26 -11.99
C LEU E 63 10.25 -4.46 -10.47
N VAL E 64 11.34 -4.19 -9.77
CA VAL E 64 11.36 -4.32 -8.32
C VAL E 64 10.28 -3.41 -7.70
N ALA E 65 10.27 -2.12 -8.10
CA ALA E 65 9.33 -1.17 -7.51
C ALA E 65 7.89 -1.63 -7.78
N SER E 66 7.60 -2.05 -9.01
CA SER E 66 6.25 -2.46 -9.42
C SER E 66 5.81 -3.73 -8.70
N THR E 67 6.75 -4.61 -8.38
CA THR E 67 6.43 -5.84 -7.67
C THR E 67 6.13 -5.61 -6.18
N VAL E 68 6.95 -4.83 -5.48
CA VAL E 68 6.70 -4.61 -4.07
C VAL E 68 5.41 -3.79 -3.87
N LEU E 69 5.07 -2.96 -4.87
CA LEU E 69 3.82 -2.19 -4.84
C LEU E 69 2.62 -2.95 -5.46
N ARG E 70 2.87 -4.16 -5.95
CA ARG E 70 1.84 -5.10 -6.37
C ARG E 70 0.96 -4.54 -7.50
N CYS E 71 1.61 -4.03 -8.55
CA CYS E 71 0.90 -3.56 -9.77
C CYS E 71 1.16 -4.49 -10.93
N ASP E 72 0.18 -5.34 -11.27
CA ASP E 72 0.38 -6.31 -12.31
C ASP E 72 0.69 -5.75 -13.67
N ASP E 73 -0.04 -4.73 -14.10
CA ASP E 73 0.23 -4.18 -15.45
C ASP E 73 1.62 -3.53 -15.48
N CYS E 74 2.06 -2.94 -14.37
CA CYS E 74 3.38 -2.31 -14.31
C CYS E 74 4.47 -3.40 -14.35
N ILE E 75 4.22 -4.48 -13.62
CA ILE E 75 5.15 -5.63 -13.64
C ILE E 75 5.32 -6.15 -15.08
N ARG E 76 4.19 -6.34 -15.75
CA ARG E 76 4.19 -6.81 -17.15
C ARG E 76 5.01 -5.89 -18.08
N TYR E 77 4.78 -4.59 -17.97
CA TYR E 77 5.45 -3.60 -18.77
C TYR E 77 6.96 -3.73 -18.56
N HIS E 78 7.40 -3.72 -17.30
CA HIS E 78 8.87 -3.79 -17.06
C HIS E 78 9.48 -5.13 -17.43
N LEU E 79 8.72 -6.22 -17.32
CA LEU E 79 9.21 -7.51 -17.79
C LEU E 79 9.46 -7.44 -19.27
N VAL E 80 8.53 -6.90 -20.04
CA VAL E 80 8.78 -6.78 -21.50
C VAL E 80 10.10 -6.03 -21.75
N ARG E 81 10.25 -4.88 -21.09
CA ARG E 81 11.42 -4.04 -21.34
C ARG E 81 12.68 -4.77 -20.90
N CYS E 82 12.64 -5.48 -19.76
CA CYS E 82 13.83 -6.25 -19.30
C CYS E 82 14.24 -7.30 -20.35
N VAL E 83 13.26 -8.02 -20.83
CA VAL E 83 13.52 -9.03 -21.89
C VAL E 83 14.10 -8.38 -23.16
N GLN E 84 13.48 -7.29 -23.59
CA GLN E 84 13.94 -6.54 -24.77
C GLN E 84 15.40 -6.07 -24.64
N GLU E 85 15.77 -5.69 -23.42
CA GLU E 85 17.10 -5.19 -23.13
C GLU E 85 18.09 -6.31 -22.75
N GLY E 86 17.69 -7.56 -22.95
CA GLY E 86 18.62 -8.68 -22.87
C GLY E 86 18.85 -9.21 -21.46
N ALA E 87 17.95 -8.89 -20.52
CA ALA E 87 18.07 -9.46 -19.19
C ALA E 87 17.83 -10.96 -19.25
N SER E 88 18.59 -11.70 -18.45
CA SER E 88 18.40 -13.18 -18.32
C SER E 88 17.36 -13.50 -17.29
N ASP E 89 16.79 -14.72 -17.36
CA ASP E 89 15.86 -15.17 -16.31
C ASP E 89 16.51 -15.13 -14.93
N GLU E 90 17.79 -15.51 -14.85
CA GLU E 90 18.52 -15.43 -13.59
C GLU E 90 18.56 -14.00 -13.00
N GLU E 91 18.86 -13.01 -13.85
CA GLU E 91 18.90 -11.62 -13.41
C GLU E 91 17.53 -11.19 -12.93
N ILE E 92 16.51 -11.50 -13.73
CA ILE E 92 15.12 -11.18 -13.34
C ILE E 92 14.72 -11.85 -12.01
N PHE E 93 15.07 -13.12 -11.84
CA PHE E 93 14.72 -13.81 -10.58
C PHE E 93 15.46 -13.24 -9.38
N GLU E 94 16.71 -12.81 -9.56
CA GLU E 94 17.46 -12.20 -8.44
C GLU E 94 16.82 -10.90 -8.01
N ALA E 95 16.31 -10.13 -8.98
CA ALA E 95 15.55 -8.92 -8.67
C ALA E 95 14.22 -9.21 -8.01
N LEU E 96 13.48 -10.22 -8.52
CA LEU E 96 12.18 -10.53 -7.96
C LEU E 96 12.33 -11.04 -6.51
N ASP E 97 13.44 -11.72 -6.22
CA ASP E 97 13.71 -12.22 -4.84
C ASP E 97 13.84 -11.07 -3.84
N ILE E 98 14.46 -9.96 -4.27
CA ILE E 98 14.54 -8.77 -3.43
C ILE E 98 13.15 -8.23 -3.18
N ALA E 99 12.35 -8.11 -4.22
CA ALA E 99 10.97 -7.66 -4.08
C ALA E 99 10.14 -8.55 -3.14
N LEU E 100 10.29 -9.85 -3.30
CA LEU E 100 9.57 -10.79 -2.46
C LEU E 100 9.92 -10.66 -0.97
N VAL E 101 11.22 -10.61 -0.67
CA VAL E 101 11.65 -10.52 0.71
C VAL E 101 11.20 -9.20 1.33
N VAL E 102 11.39 -8.10 0.58
CA VAL E 102 11.10 -6.76 1.08
C VAL E 102 9.59 -6.53 1.24
N GLY E 103 8.84 -7.00 0.25
CA GLY E 103 7.42 -6.76 0.17
C GLY E 103 6.54 -7.77 0.83
N GLY E 104 7.08 -8.96 1.16
CA GLY E 104 6.37 -9.97 1.92
C GLY E 104 5.60 -10.98 1.11
N SER E 105 4.98 -11.94 1.79
CA SER E 105 4.21 -12.98 1.10
C SER E 105 2.97 -12.50 0.37
N ILE E 106 2.45 -11.31 0.71
CA ILE E 106 1.37 -10.73 -0.12
C ILE E 106 1.82 -10.48 -1.54
N VAL E 107 3.15 -10.50 -1.81
CA VAL E 107 3.65 -10.38 -3.19
C VAL E 107 3.53 -11.66 -3.98
N ILE E 108 3.39 -12.78 -3.31
CA ILE E 108 3.42 -14.07 -3.98
C ILE E 108 2.49 -14.20 -5.19
N PRO E 109 1.21 -13.83 -5.09
CA PRO E 109 0.32 -13.95 -6.23
C PRO E 109 0.84 -13.16 -7.45
N HIS E 110 1.46 -12.01 -7.19
CA HIS E 110 2.01 -11.21 -8.26
C HIS E 110 3.26 -11.80 -8.84
N LEU E 111 4.08 -12.41 -8.00
CA LEU E 111 5.30 -13.10 -8.48
C LEU E 111 4.91 -14.29 -9.36
N ARG E 112 3.86 -14.99 -8.99
CA ARG E 112 3.33 -16.09 -9.81
C ARG E 112 2.92 -15.60 -11.18
N ARG E 113 2.18 -14.51 -11.22
CA ARG E 113 1.76 -13.95 -12.48
C ARG E 113 2.96 -13.48 -13.29
N ALA E 114 3.94 -12.91 -12.61
CA ALA E 114 5.14 -12.42 -13.28
C ALA E 114 5.90 -13.56 -13.96
N VAL E 115 6.05 -14.67 -13.27
CA VAL E 115 6.78 -15.82 -13.81
C VAL E 115 6.05 -16.40 -14.99
N GLY E 116 4.74 -16.45 -14.91
CA GLY E 116 3.90 -16.90 -16.00
C GLY E 116 4.01 -16.06 -17.26
N PHE E 117 4.04 -14.75 -17.06
CA PHE E 117 4.19 -13.83 -18.14
C PHE E 117 5.56 -13.92 -18.76
N LEU E 118 6.59 -14.03 -17.93
CA LEU E 118 7.96 -14.19 -18.44
C LEU E 118 8.03 -15.45 -19.32
N GLU E 119 7.38 -16.52 -18.87
CA GLU E 119 7.36 -17.76 -19.68
C GLU E 119 6.73 -17.53 -21.03
N GLU E 120 5.65 -16.76 -21.07
CA GLU E 120 5.00 -16.40 -22.34
C GLU E 120 5.96 -15.63 -23.26
N LEU E 121 6.69 -14.66 -22.69
CA LEU E 121 7.67 -13.90 -23.47
C LEU E 121 8.80 -14.80 -24.02
N ARG E 122 9.29 -15.70 -23.18
CA ARG E 122 10.36 -16.65 -23.62
C ARG E 122 9.88 -17.57 -24.74
N GLU E 123 8.59 -17.94 -24.69
CA GLU E 123 8.01 -18.77 -25.76
C GLU E 123 7.91 -17.96 -27.08
N MET E 124 7.48 -16.69 -26.99
CA MET E 124 7.53 -15.79 -28.14
C MET E 124 8.96 -15.73 -28.70
N GLU E 125 9.93 -15.48 -27.84
CA GLU E 125 11.32 -15.42 -28.28
C GLU E 125 11.77 -16.72 -28.98
N LYS E 126 11.50 -17.84 -28.34
CA LYS E 126 11.82 -19.14 -28.95
C LYS E 126 11.24 -19.26 -30.37
N ASN E 127 9.98 -18.81 -30.49
CA ASN E 127 9.18 -18.90 -31.74
C ASN E 127 9.47 -17.80 -32.75
N GLY E 128 10.37 -16.90 -32.43
CA GLY E 128 10.80 -15.87 -33.37
C GLY E 128 9.73 -14.79 -33.53
N GLU E 129 8.86 -14.65 -32.54
CA GLU E 129 7.74 -13.68 -32.60
C GLU E 129 8.21 -12.39 -31.95
N THR E 130 8.03 -11.28 -32.67
CA THR E 130 8.50 -9.98 -32.21
C THR E 130 7.81 -9.59 -30.93
N ILE E 131 8.61 -9.18 -29.97
CA ILE E 131 8.10 -8.63 -28.72
C ILE E 131 8.11 -7.10 -28.85
N SER E 132 6.93 -6.50 -28.94
CA SER E 132 6.82 -5.07 -29.11
C SER E 132 5.63 -4.49 -28.36
N LEU E 133 5.70 -3.19 -28.06
CA LEU E 133 4.62 -2.48 -27.38
C LEU E 133 4.02 -1.35 -28.23
N ARG F 32 14.49 -12.86 22.31
CA ARG F 32 13.76 -12.02 21.32
C ARG F 32 13.41 -12.84 20.08
N GLY F 33 12.15 -12.90 19.71
CA GLY F 33 11.73 -13.62 18.52
C GLY F 33 11.85 -15.13 18.65
N THR F 34 11.83 -15.78 17.49
CA THR F 34 11.86 -17.22 17.38
C THR F 34 12.91 -17.58 16.38
N LEU F 35 13.07 -18.89 16.14
CA LEU F 35 13.96 -19.35 15.07
C LEU F 35 13.50 -18.84 13.71
N ASN F 36 12.19 -18.71 13.54
CA ASN F 36 11.65 -18.16 12.30
C ASN F 36 12.09 -16.71 12.05
N THR F 37 12.09 -15.93 13.13
CA THR F 37 12.52 -14.52 13.03
C THR F 37 13.95 -14.49 12.53
N LYS F 38 14.80 -15.33 13.14
CA LYS F 38 16.22 -15.37 12.77
C LYS F 38 16.42 -15.76 11.34
N ARG F 39 15.72 -16.80 10.92
CA ARG F 39 15.80 -17.25 9.53
C ARG F 39 15.37 -16.15 8.56
N PHE F 40 14.35 -15.38 8.92
CA PHE F 40 13.87 -14.32 8.04
C PHE F 40 14.91 -13.21 7.91
N PHE F 41 15.53 -12.84 9.03
CA PHE F 41 16.57 -11.81 9.02
C PHE F 41 17.74 -12.31 8.19
N ASN F 42 18.05 -13.59 8.28
CA ASN F 42 19.15 -14.17 7.50
C ASN F 42 18.87 -14.10 5.98
N LEU F 43 17.62 -14.40 5.63
CA LEU F 43 17.16 -14.34 4.22
C LEU F 43 17.22 -12.92 3.66
N ASP F 44 16.85 -11.94 4.49
CA ASP F 44 16.95 -10.53 4.11
C ASP F 44 18.39 -10.12 3.77
N SER F 45 19.36 -10.63 4.50
CA SER F 45 20.76 -10.37 4.16
C SER F 45 21.17 -11.10 2.89
N ALA F 46 20.70 -12.33 2.76
CA ALA F 46 21.16 -13.21 1.69
C ALA F 46 20.75 -12.70 0.33
N VAL F 47 19.57 -12.06 0.23
CA VAL F 47 19.08 -11.69 -1.09
C VAL F 47 19.85 -10.56 -1.74
N TYR F 48 20.70 -9.89 -0.96
CA TYR F 48 21.54 -8.83 -1.47
C TYR F 48 22.99 -9.26 -1.73
N ARG F 49 23.28 -10.55 -1.53
CA ARG F 49 24.60 -11.08 -1.90
C ARG F 49 24.70 -11.18 -3.42
N PRO F 50 25.92 -11.06 -3.96
CA PRO F 50 26.06 -10.98 -5.41
C PRO F 50 25.72 -12.29 -6.10
N GLY F 51 25.20 -12.16 -7.31
CA GLY F 51 24.95 -13.28 -8.18
C GLY F 51 25.26 -12.81 -9.58
N LYS F 52 24.32 -13.07 -10.49
CA LYS F 52 24.40 -12.50 -11.84
C LYS F 52 24.24 -10.98 -11.80
N LEU F 53 23.52 -10.47 -10.79
CA LEU F 53 23.52 -9.05 -10.50
C LEU F 53 24.57 -8.80 -9.45
N ASP F 54 25.34 -7.72 -9.60
CA ASP F 54 26.39 -7.43 -8.65
C ASP F 54 25.82 -6.76 -7.40
N VAL F 55 26.64 -6.71 -6.36
CA VAL F 55 26.13 -6.17 -5.09
C VAL F 55 25.72 -4.68 -5.20
N LYS F 56 26.45 -3.86 -5.95
CA LYS F 56 26.03 -2.48 -6.13
C LYS F 56 24.62 -2.36 -6.71
N THR F 57 24.36 -3.15 -7.75
CA THR F 57 23.04 -3.18 -8.35
C THR F 57 21.93 -3.59 -7.38
N LYS F 58 22.23 -4.64 -6.61
CA LYS F 58 21.25 -5.14 -5.67
C LYS F 58 20.97 -4.14 -4.58
N GLU F 59 22.01 -3.46 -4.10
CA GLU F 59 21.80 -2.44 -3.04
C GLU F 59 20.99 -1.24 -3.58
N LEU F 60 21.25 -0.86 -4.83
CA LEU F 60 20.43 0.17 -5.47
C LEU F 60 18.99 -0.26 -5.61
N MET F 61 18.74 -1.54 -5.90
CA MET F 61 17.37 -2.04 -5.88
C MET F 61 16.72 -2.00 -4.51
N GLY F 62 17.47 -2.34 -3.48
CA GLY F 62 16.98 -2.19 -2.12
C GLY F 62 16.65 -0.73 -1.81
N LEU F 63 17.50 0.19 -2.27
CA LEU F 63 17.21 1.60 -2.12
C LEU F 63 15.90 2.02 -2.79
N VAL F 64 15.72 1.61 -4.03
CA VAL F 64 14.47 1.90 -4.73
C VAL F 64 13.26 1.35 -3.96
N ALA F 65 13.29 0.07 -3.59
CA ALA F 65 12.20 -0.57 -2.86
C ALA F 65 11.90 0.13 -1.55
N SER F 66 12.97 0.43 -0.82
CA SER F 66 12.81 1.10 0.47
C SER F 66 12.22 2.49 0.32
N THR F 67 12.58 3.21 -0.76
CA THR F 67 12.04 4.54 -0.99
C THR F 67 10.57 4.53 -1.42
N VAL F 68 10.21 3.70 -2.38
CA VAL F 68 8.79 3.66 -2.74
C VAL F 68 7.85 3.23 -1.60
N LEU F 69 8.42 2.40 -0.69
CA LEU F 69 7.71 1.93 0.46
C LEU F 69 7.85 2.83 1.67
N ARG F 70 8.66 3.86 1.57
CA ARG F 70 8.70 4.95 2.54
C ARG F 70 9.14 4.46 3.92
N CYS F 71 10.24 3.71 3.93
CA CYS F 71 10.87 3.26 5.19
C CYS F 71 12.21 3.98 5.37
N ASP F 72 12.25 4.95 6.28
CA ASP F 72 13.48 5.74 6.47
C ASP F 72 14.69 4.95 6.93
N ASP F 73 14.51 4.02 7.86
CA ASP F 73 15.63 3.24 8.35
C ASP F 73 16.16 2.35 7.24
N CYS F 74 15.26 1.83 6.40
CA CYS F 74 15.66 0.99 5.27
C CYS F 74 16.42 1.80 4.23
N ILE F 75 15.92 3.00 3.95
CA ILE F 75 16.58 3.89 3.00
C ILE F 75 18.02 4.18 3.47
N ARG F 76 18.14 4.53 4.74
CA ARG F 76 19.47 4.84 5.33
C ARG F 76 20.45 3.68 5.21
N TYR F 77 19.98 2.48 5.53
CA TYR F 77 20.79 1.28 5.42
C TYR F 77 21.31 1.10 4.00
N HIS F 78 20.40 1.12 3.01
CA HIS F 78 20.80 0.87 1.62
C HIS F 78 21.62 2.00 1.03
N LEU F 79 21.40 3.23 1.47
CA LEU F 79 22.33 4.31 1.09
C LEU F 79 23.75 4.02 1.55
N VAL F 80 23.92 3.66 2.83
CA VAL F 80 25.26 3.32 3.32
C VAL F 80 25.90 2.23 2.47
N ARG F 81 25.13 1.18 2.17
CA ARG F 81 25.64 0.08 1.37
C ARG F 81 25.98 0.52 -0.04
N CYS F 82 25.10 1.31 -0.66
CA CYS F 82 25.41 1.86 -2.00
C CYS F 82 26.74 2.62 -2.02
N VAL F 83 26.96 3.46 -1.01
CA VAL F 83 28.19 4.24 -0.90
C VAL F 83 29.39 3.33 -0.70
N GLN F 84 29.25 2.36 0.21
CA GLN F 84 30.31 1.37 0.42
C GLN F 84 30.68 0.60 -0.84
N GLU F 85 29.67 0.30 -1.68
CA GLU F 85 29.90 -0.48 -2.91
C GLU F 85 30.29 0.39 -4.11
N GLY F 86 30.61 1.66 -3.88
CA GLY F 86 31.11 2.57 -4.90
C GLY F 86 30.12 3.29 -5.79
N ALA F 87 28.86 3.32 -5.42
CA ALA F 87 27.88 4.05 -6.22
C ALA F 87 28.16 5.55 -6.14
N SER F 88 28.01 6.24 -7.27
CA SER F 88 28.20 7.68 -7.35
C SER F 88 26.89 8.37 -6.94
N ASP F 89 26.98 9.66 -6.61
CA ASP F 89 25.75 10.42 -6.34
C ASP F 89 24.80 10.35 -7.53
N GLU F 90 25.33 10.47 -8.75
CA GLU F 90 24.50 10.48 -9.96
C GLU F 90 23.74 9.17 -10.14
N GLU F 91 24.42 8.05 -9.91
CA GLU F 91 23.76 6.73 -9.89
C GLU F 91 22.63 6.66 -8.87
N ILE F 92 22.90 7.13 -7.66
CA ILE F 92 21.89 7.13 -6.60
C ILE F 92 20.70 8.01 -6.97
N PHE F 93 20.98 9.21 -7.49
CA PHE F 93 19.92 10.12 -7.92
C PHE F 93 19.06 9.51 -9.03
N GLU F 94 19.69 8.86 -9.97
CA GLU F 94 18.87 8.26 -11.05
C GLU F 94 17.98 7.16 -10.51
N ALA F 95 18.44 6.39 -9.52
CA ALA F 95 17.60 5.38 -8.84
C ALA F 95 16.47 6.04 -8.06
N LEU F 96 16.79 7.09 -7.30
CA LEU F 96 15.78 7.78 -6.51
C LEU F 96 14.72 8.41 -7.39
N ASP F 97 15.09 8.86 -8.60
CA ASP F 97 14.09 9.40 -9.53
C ASP F 97 13.06 8.37 -9.96
N ILE F 98 13.53 7.13 -10.16
CA ILE F 98 12.58 6.04 -10.43
C ILE F 98 11.60 5.86 -9.27
N ALA F 99 12.12 5.83 -8.04
CA ALA F 99 11.25 5.65 -6.86
C ALA F 99 10.24 6.83 -6.76
N LEU F 100 10.71 8.04 -7.07
CA LEU F 100 9.84 9.22 -7.02
C LEU F 100 8.62 9.11 -7.97
N VAL F 101 8.90 8.81 -9.23
CA VAL F 101 7.84 8.68 -10.24
C VAL F 101 6.89 7.50 -9.99
N VAL F 102 7.45 6.36 -9.62
CA VAL F 102 6.68 5.21 -9.33
C VAL F 102 5.79 5.38 -8.09
N GLY F 103 6.41 5.89 -7.03
CA GLY F 103 5.79 5.99 -5.71
C GLY F 103 5.02 7.25 -5.42
N GLY F 104 5.21 8.26 -6.26
CA GLY F 104 4.43 9.48 -6.18
C GLY F 104 5.08 10.54 -5.34
N SER F 105 4.49 11.72 -5.42
CA SER F 105 4.98 12.86 -4.68
C SER F 105 4.89 12.66 -3.17
N ILE F 106 4.09 11.70 -2.75
CA ILE F 106 4.08 11.30 -1.37
C ILE F 106 5.46 10.84 -0.83
N VAL F 107 6.37 10.41 -1.72
CA VAL F 107 7.74 10.02 -1.31
C VAL F 107 8.68 11.20 -1.07
N ILE F 108 8.27 12.41 -1.43
CA ILE F 108 9.17 13.57 -1.36
C ILE F 108 9.84 13.82 0.00
N PRO F 109 9.12 13.79 1.11
CA PRO F 109 9.78 13.96 2.42
C PRO F 109 10.93 12.94 2.64
N HIS F 110 10.74 11.71 2.17
CA HIS F 110 11.73 10.66 2.29
C HIS F 110 12.91 10.89 1.39
N LEU F 111 12.67 11.40 0.20
CA LEU F 111 13.73 11.69 -0.74
C LEU F 111 14.57 12.82 -0.18
N ARG F 112 13.93 13.84 0.37
CA ARG F 112 14.66 14.92 1.02
C ARG F 112 15.61 14.45 2.15
N ARG F 113 15.12 13.56 3.00
CA ARG F 113 15.93 12.98 4.06
C ARG F 113 17.07 12.09 3.51
N ALA F 114 16.81 11.33 2.45
CA ALA F 114 17.82 10.46 1.84
C ALA F 114 19.02 11.30 1.37
N VAL F 115 18.69 12.38 0.67
CA VAL F 115 19.74 13.25 0.14
C VAL F 115 20.53 13.89 1.26
N GLY F 116 19.84 14.36 2.31
CA GLY F 116 20.52 14.92 3.46
C GLY F 116 21.51 13.94 4.06
N PHE F 117 21.12 12.67 4.12
CA PHE F 117 21.93 11.64 4.75
C PHE F 117 23.09 11.26 3.83
N LEU F 118 22.83 11.19 2.54
CA LEU F 118 23.93 11.00 1.56
C LEU F 118 25.02 12.07 1.69
N GLU F 119 24.60 13.32 1.85
CA GLU F 119 25.58 14.40 2.05
C GLU F 119 26.39 14.20 3.31
N GLU F 120 25.75 13.68 4.36
CA GLU F 120 26.45 13.34 5.60
C GLU F 120 27.54 12.29 5.34
N LEU F 121 27.20 11.24 4.59
CA LEU F 121 28.14 10.14 4.31
C LEU F 121 29.32 10.62 3.47
N ARG F 122 29.04 11.49 2.51
CA ARG F 122 30.10 12.07 1.67
C ARG F 122 31.03 12.97 2.47
N GLU F 123 30.49 13.66 3.47
CA GLU F 123 31.35 14.48 4.33
C GLU F 123 32.28 13.59 5.17
N MET F 124 31.72 12.49 5.69
CA MET F 124 32.50 11.47 6.40
C MET F 124 33.60 10.89 5.53
N GLU F 125 33.25 10.61 4.28
CA GLU F 125 34.20 10.09 3.29
C GLU F 125 35.36 11.08 3.08
N LYS F 126 35.02 12.35 2.90
CA LYS F 126 35.99 13.42 2.74
C LYS F 126 36.94 13.51 3.95
N ASN F 127 36.37 13.35 5.14
CA ASN F 127 37.13 13.49 6.39
C ASN F 127 37.80 12.19 6.87
N GLY F 128 37.56 11.06 6.21
CA GLY F 128 38.00 9.75 6.69
C GLY F 128 36.86 8.88 7.23
#